data_8OFJ
#
_entry.id   8OFJ
#
_cell.length_a   38.840
_cell.length_b   80.420
_cell.length_c   44.444
_cell.angle_alpha   90.000
_cell.angle_beta   93.130
_cell.angle_gamma   90.000
#
_symmetry.space_group_name_H-M   'P 1 21 1'
#
loop_
_entity.id
_entity.type
_entity.pdbx_description
1 polymer 'Diadenylate cyclase'
2 water water
#
_entity_poly.entity_id   1
_entity_poly.type   'polypeptide(L)'
_entity_poly.pdbx_seq_one_letter_code
;GPLGSGLFRSKHTTSQKNFYDNLTSTLLRLSTDKIGAIIAIENQDSLESYVNIGYRVTSDFSPELLVTIFYNKQSPLHDG
AVIVRDYQIVSVSSYFPMTRQLIDVSYGSRHRSALGLTEKCDAIVFIVSETTGKISVAVRGVIKTLSSNSDRLQDQIIHY
LTVKPG
;
_entity_poly.pdbx_strand_id   B,A
#
# COMPACT_ATOMS: atom_id res chain seq x y z
N LYS A 11 17.38 -21.76 -11.52
CA LYS A 11 17.42 -22.74 -12.63
C LYS A 11 18.09 -24.04 -12.14
N HIS A 12 19.00 -23.94 -11.15
CA HIS A 12 19.58 -25.10 -10.47
C HIS A 12 18.46 -25.91 -9.80
N THR A 13 18.54 -27.24 -9.90
CA THR A 13 17.42 -28.12 -9.64
C THR A 13 17.10 -28.22 -8.15
N THR A 14 18.15 -28.34 -7.32
CA THR A 14 18.00 -28.41 -5.87
C THR A 14 17.41 -27.11 -5.34
N SER A 15 17.80 -25.98 -5.93
CA SER A 15 17.32 -24.69 -5.45
C SER A 15 15.82 -24.54 -5.67
N GLN A 16 15.34 -24.89 -6.86
CA GLN A 16 13.92 -24.74 -7.17
C GLN A 16 13.12 -25.81 -6.42
N LYS A 17 13.65 -27.02 -6.30
CA LYS A 17 12.94 -28.07 -5.60
C LYS A 17 12.79 -27.71 -4.12
N ASN A 18 13.85 -27.18 -3.52
CA ASN A 18 13.83 -26.79 -2.12
C ASN A 18 12.83 -25.66 -1.92
N PHE A 19 12.72 -24.75 -2.89
CA PHE A 19 11.80 -23.63 -2.76
C PHE A 19 10.36 -24.12 -2.87
N TYR A 20 10.11 -25.03 -3.82
CA TYR A 20 8.80 -25.61 -4.00
C TYR A 20 8.30 -26.31 -2.74
N ASP A 21 9.18 -27.10 -2.12
CA ASP A 21 8.84 -27.79 -0.88
C ASP A 21 8.57 -26.78 0.23
N ASN A 22 9.43 -25.77 0.36
CA ASN A 22 9.31 -24.78 1.42
C ASN A 22 8.05 -23.95 1.23
N LEU A 23 7.71 -23.63 -0.01
CA LEU A 23 6.49 -22.88 -0.25
C LEU A 23 5.26 -23.75 0.05
N THR A 24 5.32 -25.03 -0.32
CA THR A 24 4.20 -25.93 -0.07
C THR A 24 3.96 -26.08 1.42
N SER A 25 5.02 -26.41 2.18
CA SER A 25 4.84 -26.61 3.61
C SER A 25 4.35 -25.32 4.28
N THR A 26 4.83 -24.16 3.80
CA THR A 26 4.43 -22.88 4.38
C THR A 26 2.94 -22.64 4.16
N LEU A 27 2.44 -22.90 2.95
CA LEU A 27 1.06 -22.58 2.65
C LEU A 27 0.11 -23.52 3.39
N LEU A 28 0.49 -24.81 3.47
CA LEU A 28 -0.35 -25.81 4.13
C LEU A 28 -0.52 -25.45 5.60
N ARG A 29 0.54 -24.94 6.23
CA ARG A 29 0.50 -24.60 7.65
C ARG A 29 -0.33 -23.35 7.92
N LEU A 30 -0.08 -22.28 7.13
CA LEU A 30 -0.89 -21.08 7.22
C LEU A 30 -2.36 -21.45 7.04
N SER A 31 -2.62 -22.33 6.07
CA SER A 31 -3.96 -22.74 5.71
C SER A 31 -4.63 -23.44 6.89
N THR A 32 -4.01 -24.51 7.40
CA THR A 32 -4.62 -25.32 8.44
C THR A 32 -4.86 -24.50 9.70
N ASP A 33 -4.05 -23.45 9.93
CA ASP A 33 -4.19 -22.59 11.11
C ASP A 33 -4.94 -21.30 10.77
N LYS A 34 -5.45 -21.19 9.54
CA LYS A 34 -6.28 -20.08 9.10
C LYS A 34 -5.57 -18.74 9.34
N ILE A 35 -4.30 -18.65 8.94
CA ILE A 35 -3.53 -17.42 9.09
C ILE A 35 -3.49 -16.72 7.74
N GLY A 36 -4.02 -15.48 7.70
CA GLY A 36 -3.99 -14.64 6.52
C GLY A 36 -2.56 -14.38 6.05
N ALA A 37 -2.34 -14.45 4.73
CA ALA A 37 -1.00 -14.27 4.17
C ALA A 37 -1.08 -13.96 2.69
N ILE A 38 -0.08 -13.22 2.21
CA ILE A 38 0.09 -13.01 0.79
C ILE A 38 1.58 -13.01 0.46
N ILE A 39 1.93 -13.80 -0.56
CA ILE A 39 3.30 -14.00 -1.02
C ILE A 39 3.32 -13.80 -2.53
N ALA A 40 4.08 -12.79 -2.95
CA ALA A 40 4.23 -12.45 -4.35
C ALA A 40 5.61 -12.90 -4.85
N ILE A 41 5.61 -13.61 -5.97
CA ILE A 41 6.83 -14.09 -6.60
C ILE A 41 7.12 -13.19 -7.79
N GLU A 42 8.30 -12.56 -7.79
CA GLU A 42 8.75 -11.76 -8.93
C GLU A 42 9.20 -12.68 -10.05
N ASN A 43 8.80 -12.34 -11.30
CA ASN A 43 9.24 -13.05 -12.50
C ASN A 43 10.05 -12.09 -13.38
N GLN A 44 9.50 -11.68 -14.52
CA GLN A 44 10.26 -10.85 -15.45
C GLN A 44 10.04 -9.37 -15.16
N ASP A 45 8.84 -8.97 -14.71
CA ASP A 45 8.58 -7.58 -14.35
C ASP A 45 9.12 -7.30 -12.95
N SER A 46 9.94 -6.26 -12.82
CA SER A 46 10.51 -5.88 -11.54
C SER A 46 9.41 -5.46 -10.57
N LEU A 47 9.58 -5.88 -9.31
CA LEU A 47 8.71 -5.46 -8.21
C LEU A 47 9.49 -4.55 -7.25
N GLU A 48 10.61 -3.99 -7.71
CA GLU A 48 11.52 -3.21 -6.88
C GLU A 48 10.80 -2.02 -6.25
N SER A 49 9.83 -1.45 -6.97
CA SER A 49 9.08 -0.31 -6.45
C SER A 49 8.23 -0.72 -5.25
N TYR A 50 7.73 -1.96 -5.26
CA TYR A 50 6.89 -2.45 -4.17
C TYR A 50 7.76 -2.96 -3.01
N VAL A 51 8.98 -3.39 -3.35
CA VAL A 51 9.96 -3.76 -2.34
C VAL A 51 10.32 -2.53 -1.51
N ASN A 52 10.65 -1.41 -2.19
CA ASN A 52 11.08 -0.20 -1.51
C ASN A 52 9.97 0.41 -0.64
N ILE A 53 8.72 0.02 -0.90
CA ILE A 53 7.56 0.49 -0.15
C ILE A 53 7.39 -0.30 1.14
N GLY A 54 7.92 -1.53 1.20
CA GLY A 54 7.78 -2.36 2.39
C GLY A 54 9.03 -2.34 3.27
N TYR A 55 9.13 -3.27 4.21
CA TYR A 55 10.36 -3.47 4.99
C TYR A 55 11.30 -4.38 4.19
N ARG A 56 12.45 -3.83 3.78
CA ARG A 56 13.45 -4.61 3.06
C ARG A 56 14.09 -5.62 4.01
N VAL A 57 13.86 -6.91 3.76
CA VAL A 57 14.36 -8.00 4.57
C VAL A 57 14.90 -9.08 3.63
N THR A 58 16.22 -9.25 3.59
CA THR A 58 16.82 -10.28 2.75
C THR A 58 17.04 -11.54 3.59
N SER A 59 16.61 -12.69 3.07
CA SER A 59 16.73 -13.95 3.78
C SER A 59 16.33 -15.10 2.88
N ASP A 60 16.83 -16.30 3.22
CA ASP A 60 16.35 -17.54 2.64
C ASP A 60 14.85 -17.68 2.90
N PHE A 61 14.19 -18.43 2.01
CA PHE A 61 12.77 -18.68 2.11
C PHE A 61 12.58 -19.82 3.10
N SER A 62 12.56 -19.47 4.39
CA SER A 62 12.49 -20.42 5.48
C SER A 62 11.07 -20.53 6.03
N PRO A 63 10.43 -21.72 5.98
CA PRO A 63 9.06 -21.87 6.47
C PRO A 63 8.84 -21.33 7.88
N GLU A 64 9.84 -21.49 8.76
CA GLU A 64 9.73 -21.03 10.14
C GLU A 64 9.56 -19.51 10.17
N LEU A 65 10.40 -18.81 9.43
CA LEU A 65 10.39 -17.36 9.42
C LEU A 65 9.09 -16.85 8.79
N LEU A 66 8.65 -17.44 7.66
CA LEU A 66 7.39 -17.07 7.03
C LEU A 66 6.21 -17.18 8.00
N VAL A 67 6.22 -18.22 8.84
CA VAL A 67 5.14 -18.46 9.79
C VAL A 67 5.18 -17.41 10.90
N THR A 68 6.37 -17.07 11.42
CA THR A 68 6.44 -16.08 12.49
C THR A 68 5.99 -14.71 11.95
N ILE A 69 6.25 -14.41 10.67
CA ILE A 69 5.81 -13.15 10.07
C ILE A 69 4.28 -13.04 10.05
N PHE A 70 3.57 -14.02 9.52
CA PHE A 70 2.14 -13.86 9.28
C PHE A 70 1.33 -14.18 10.54
N TYR A 71 1.86 -15.05 11.40
CA TYR A 71 1.15 -15.47 12.60
C TYR A 71 1.22 -14.40 13.67
N ASN A 72 2.36 -13.71 13.77
CA ASN A 72 2.58 -12.77 14.84
C ASN A 72 1.68 -11.54 14.62
N LYS A 73 0.58 -11.46 15.40
CA LYS A 73 -0.42 -10.42 15.25
C LYS A 73 -0.01 -9.10 15.91
N GLN A 74 0.97 -9.13 16.81
CA GLN A 74 1.38 -7.92 17.52
C GLN A 74 2.12 -6.97 16.59
N SER A 75 2.91 -7.53 15.66
CA SER A 75 3.72 -6.74 14.74
C SER A 75 2.92 -6.44 13.47
N PRO A 76 3.03 -5.23 12.88
CA PRO A 76 2.42 -4.93 11.58
C PRO A 76 3.00 -5.68 10.37
N LEU A 77 4.07 -6.47 10.60
CA LEU A 77 4.70 -7.25 9.56
C LEU A 77 3.74 -8.30 9.01
N HIS A 78 2.75 -8.72 9.80
CA HIS A 78 1.83 -9.77 9.37
C HIS A 78 0.89 -9.26 8.28
N ASP A 79 0.77 -7.95 8.14
CA ASP A 79 -0.10 -7.35 7.13
C ASP A 79 0.72 -7.07 5.88
N GLY A 80 0.04 -7.16 4.73
CA GLY A 80 0.65 -6.89 3.45
C GLY A 80 1.50 -8.07 2.98
N ALA A 81 2.28 -7.86 1.92
CA ALA A 81 2.79 -8.98 1.17
C ALA A 81 4.27 -9.21 1.45
N VAL A 82 4.67 -10.48 1.48
CA VAL A 82 6.05 -10.87 1.31
C VAL A 82 6.36 -10.95 -0.18
N ILE A 83 7.48 -10.37 -0.59
CA ILE A 83 7.93 -10.47 -1.97
C ILE A 83 9.16 -11.37 -2.04
N VAL A 84 9.15 -12.30 -3.00
CA VAL A 84 10.18 -13.29 -3.20
C VAL A 84 10.84 -13.03 -4.54
N ARG A 85 12.17 -12.98 -4.53
CA ARG A 85 12.96 -12.84 -5.74
C ARG A 85 14.05 -13.91 -5.73
N ASP A 86 14.09 -14.71 -6.82
CA ASP A 86 15.03 -15.81 -6.95
C ASP A 86 15.06 -16.63 -5.66
N TYR A 87 13.88 -17.03 -5.17
CA TYR A 87 13.75 -17.97 -4.07
C TYR A 87 14.17 -17.36 -2.73
N GLN A 88 14.45 -16.06 -2.70
CA GLN A 88 14.80 -15.37 -1.47
C GLN A 88 13.71 -14.35 -1.15
N ILE A 89 13.46 -14.15 0.13
CA ILE A 89 12.65 -13.04 0.61
C ILE A 89 13.41 -11.74 0.42
N VAL A 90 12.74 -10.72 -0.12
CA VAL A 90 13.40 -9.42 -0.27
C VAL A 90 12.60 -8.32 0.43
N SER A 91 11.34 -8.56 0.81
CA SER A 91 10.58 -7.54 1.50
C SER A 91 9.41 -8.19 2.21
N VAL A 92 8.94 -7.52 3.27
CA VAL A 92 7.71 -7.89 3.95
C VAL A 92 6.84 -6.64 4.08
N SER A 93 5.55 -6.81 4.38
CA SER A 93 4.65 -5.68 4.51
C SER A 93 4.71 -4.77 3.28
N SER A 94 4.77 -5.35 2.07
CA SER A 94 4.57 -4.55 0.88
C SER A 94 3.08 -4.51 0.57
N TYR A 95 2.61 -3.33 0.17
CA TYR A 95 1.22 -3.18 -0.21
C TYR A 95 1.15 -3.00 -1.72
N PHE A 96 0.05 -3.50 -2.29
CA PHE A 96 -0.18 -3.45 -3.71
C PHE A 96 -1.48 -2.70 -3.99
N PRO A 97 -1.60 -2.02 -5.15
CA PRO A 97 -2.85 -1.34 -5.49
C PRO A 97 -3.96 -2.37 -5.68
N MET A 98 -5.15 -2.05 -5.18
CA MET A 98 -6.28 -2.97 -5.30
C MET A 98 -6.90 -2.85 -6.69
N THR A 99 -7.58 -3.92 -7.12
CA THR A 99 -8.12 -4.02 -8.45
C THR A 99 -9.19 -2.93 -8.66
N ARG A 100 -9.31 -2.50 -9.92
CA ARG A 100 -10.27 -1.49 -10.33
C ARG A 100 -11.44 -2.14 -11.07
N GLN A 101 -11.43 -3.46 -11.17
CA GLN A 101 -12.54 -4.21 -11.74
C GLN A 101 -13.64 -4.34 -10.69
N LEU A 102 -14.87 -4.52 -11.17
CA LEU A 102 -16.03 -4.71 -10.31
C LEU A 102 -16.12 -6.21 -10.03
N ILE A 103 -15.79 -6.60 -8.80
CA ILE A 103 -15.74 -8.00 -8.43
C ILE A 103 -16.65 -8.21 -7.23
N ASP A 104 -16.88 -9.49 -6.91
CA ASP A 104 -17.72 -9.91 -5.80
C ASP A 104 -17.14 -9.41 -4.48
N VAL A 105 -18.07 -9.15 -3.55
CA VAL A 105 -17.79 -8.56 -2.25
C VAL A 105 -17.04 -9.53 -1.34
N SER A 106 -17.18 -10.84 -1.61
CA SER A 106 -16.52 -11.88 -0.84
C SER A 106 -14.99 -11.84 -0.95
N TYR A 107 -14.45 -10.96 -1.80
CA TYR A 107 -13.00 -10.79 -1.86
C TYR A 107 -12.57 -9.71 -0.86
N GLY A 108 -11.62 -10.08 0.01
CA GLY A 108 -11.02 -9.16 0.97
C GLY A 108 -9.84 -8.39 0.38
N SER A 109 -9.18 -7.62 1.26
CA SER A 109 -8.10 -6.73 0.89
C SER A 109 -7.02 -7.48 0.14
N ARG A 110 -6.59 -8.63 0.69
CA ARG A 110 -5.45 -9.38 0.16
C ARG A 110 -5.80 -9.85 -1.25
N HIS A 111 -7.06 -10.27 -1.46
CA HIS A 111 -7.45 -10.85 -2.73
C HIS A 111 -7.48 -9.78 -3.81
N ARG A 112 -7.93 -8.58 -3.42
CA ARG A 112 -8.05 -7.47 -4.34
C ARG A 112 -6.66 -6.91 -4.64
N SER A 113 -5.75 -7.01 -3.65
CA SER A 113 -4.37 -6.59 -3.83
C SER A 113 -3.65 -7.48 -4.85
N ALA A 114 -3.88 -8.79 -4.75
CA ALA A 114 -3.28 -9.77 -5.64
C ALA A 114 -3.79 -9.59 -7.05
N LEU A 115 -5.10 -9.39 -7.19
CA LEU A 115 -5.67 -9.11 -8.49
C LEU A 115 -5.09 -7.82 -9.05
N GLY A 116 -5.04 -6.78 -8.20
CA GLY A 116 -4.54 -5.48 -8.60
C GLY A 116 -3.11 -5.56 -9.17
N LEU A 117 -2.24 -6.28 -8.47
CA LEU A 117 -0.86 -6.41 -8.88
C LEU A 117 -0.75 -7.19 -10.17
N THR A 118 -1.49 -8.30 -10.26
CA THR A 118 -1.30 -9.23 -11.38
C THR A 118 -1.93 -8.67 -12.66
N GLU A 119 -2.76 -7.64 -12.54
CA GLU A 119 -3.28 -6.95 -13.71
C GLU A 119 -2.19 -6.11 -14.36
N LYS A 120 -1.27 -5.57 -13.55
CA LYS A 120 -0.27 -4.63 -14.02
C LYS A 120 1.03 -5.33 -14.42
N CYS A 121 1.25 -6.60 -14.05
CA CYS A 121 2.53 -7.24 -14.32
C CYS A 121 2.43 -8.77 -14.22
N ASP A 122 3.54 -9.45 -14.52
CA ASP A 122 3.54 -10.90 -14.62
C ASP A 122 3.84 -11.59 -13.28
N ALA A 123 3.73 -10.88 -12.14
CA ALA A 123 3.99 -11.49 -10.84
C ALA A 123 2.99 -12.63 -10.59
N ILE A 124 3.33 -13.55 -9.69
CA ILE A 124 2.41 -14.60 -9.28
C ILE A 124 2.23 -14.47 -7.76
N VAL A 125 0.99 -14.34 -7.31
CA VAL A 125 0.70 -13.97 -5.93
C VAL A 125 -0.17 -15.07 -5.30
N PHE A 126 0.35 -15.65 -4.22
CA PHE A 126 -0.35 -16.66 -3.45
C PHE A 126 -1.02 -15.98 -2.26
N ILE A 127 -2.23 -16.45 -1.92
CA ILE A 127 -3.04 -15.88 -0.85
C ILE A 127 -3.57 -17.02 0.03
N VAL A 128 -3.56 -16.77 1.34
CA VAL A 128 -4.25 -17.64 2.27
C VAL A 128 -5.25 -16.77 3.03
N SER A 129 -6.49 -17.25 3.11
CA SER A 129 -7.58 -16.52 3.74
C SER A 129 -7.56 -16.73 5.25
N GLU A 130 -7.67 -15.63 6.02
CA GLU A 130 -7.71 -15.69 7.48
C GLU A 130 -9.06 -16.21 7.97
N THR A 131 -10.07 -16.17 7.08
CA THR A 131 -11.42 -16.54 7.45
C THR A 131 -11.61 -18.04 7.27
N THR A 132 -11.21 -18.57 6.10
CA THR A 132 -11.48 -19.94 5.71
C THR A 132 -10.20 -20.79 5.68
N GLY A 133 -9.03 -20.15 5.60
CA GLY A 133 -7.77 -20.84 5.38
C GLY A 133 -7.63 -21.45 3.97
N LYS A 134 -8.46 -21.01 3.02
CA LYS A 134 -8.31 -21.46 1.64
C LYS A 134 -7.11 -20.80 0.98
N ILE A 135 -6.45 -21.58 0.11
CA ILE A 135 -5.29 -21.12 -0.63
C ILE A 135 -5.72 -20.75 -2.05
N SER A 136 -5.35 -19.54 -2.47
CA SER A 136 -5.61 -19.08 -3.83
C SER A 136 -4.28 -18.69 -4.48
N VAL A 137 -4.30 -18.66 -5.81
CA VAL A 137 -3.22 -18.07 -6.57
C VAL A 137 -3.82 -17.05 -7.52
N ALA A 138 -3.10 -15.95 -7.75
CA ALA A 138 -3.50 -14.92 -8.69
C ALA A 138 -2.45 -14.83 -9.80
N VAL A 139 -2.90 -14.93 -11.05
CA VAL A 139 -2.04 -14.66 -12.19
C VAL A 139 -2.86 -13.96 -13.28
N ARG A 140 -2.28 -12.90 -13.86
CA ARG A 140 -2.85 -12.10 -14.94
C ARG A 140 -4.30 -11.72 -14.63
N GLY A 141 -4.55 -11.20 -13.43
CA GLY A 141 -5.85 -10.63 -13.08
C GLY A 141 -6.93 -11.68 -12.84
N VAL A 142 -6.54 -12.95 -12.71
CA VAL A 142 -7.50 -14.03 -12.49
C VAL A 142 -7.06 -14.79 -11.24
N ILE A 143 -8.03 -15.10 -10.39
CA ILE A 143 -7.78 -15.75 -9.12
C ILE A 143 -8.51 -17.08 -9.10
N LYS A 144 -7.82 -18.11 -8.60
CA LYS A 144 -8.32 -19.48 -8.54
C LYS A 144 -7.89 -20.12 -7.22
N THR A 145 -8.80 -20.91 -6.64
CA THR A 145 -8.53 -21.63 -5.41
C THR A 145 -7.63 -22.82 -5.72
N LEU A 146 -6.73 -23.14 -4.80
CA LEU A 146 -5.89 -24.32 -4.88
C LEU A 146 -6.36 -25.35 -3.84
N SER A 147 -5.81 -26.56 -3.95
CA SER A 147 -6.07 -27.65 -3.02
C SER A 147 -5.23 -27.54 -1.75
N SER A 148 -5.77 -28.08 -0.65
CA SER A 148 -5.04 -28.20 0.60
C SER A 148 -4.48 -29.61 0.79
N ASN A 149 -4.52 -30.45 -0.26
CA ASN A 149 -3.75 -31.69 -0.26
C ASN A 149 -2.31 -31.37 -0.65
N SER A 150 -1.37 -31.97 0.09
CA SER A 150 0.05 -31.62 -0.01
C SER A 150 0.58 -31.91 -1.41
N ASP A 151 0.26 -33.10 -1.94
CA ASP A 151 0.81 -33.60 -3.20
C ASP A 151 0.26 -32.82 -4.38
N ARG A 152 -1.05 -32.50 -4.32
CA ARG A 152 -1.70 -31.63 -5.28
C ARG A 152 -1.13 -30.22 -5.23
N LEU A 153 -0.92 -29.68 -4.02
CA LEU A 153 -0.54 -28.29 -3.91
C LEU A 153 0.85 -28.11 -4.53
N GLN A 154 1.76 -29.07 -4.28
CA GLN A 154 3.07 -29.07 -4.92
C GLN A 154 2.90 -28.93 -6.43
N ASP A 155 2.07 -29.83 -6.98
CA ASP A 155 1.84 -29.89 -8.42
C ASP A 155 1.30 -28.55 -8.94
N GLN A 156 0.32 -27.98 -8.22
CA GLN A 156 -0.30 -26.73 -8.65
C GLN A 156 0.72 -25.60 -8.59
N ILE A 157 1.56 -25.60 -7.54
CA ILE A 157 2.54 -24.55 -7.34
C ILE A 157 3.55 -24.63 -8.49
N ILE A 158 4.02 -25.83 -8.77
CA ILE A 158 4.99 -26.03 -9.83
C ILE A 158 4.39 -25.55 -11.16
N HIS A 159 3.12 -25.90 -11.40
CA HIS A 159 2.45 -25.53 -12.63
C HIS A 159 2.51 -24.00 -12.80
N TYR A 160 2.07 -23.25 -11.79
CA TYR A 160 1.85 -21.82 -11.93
C TYR A 160 3.18 -21.06 -11.96
N LEU A 161 4.25 -21.66 -11.43
CA LEU A 161 5.54 -21.01 -11.46
C LEU A 161 6.35 -21.50 -12.66
N THR A 162 5.69 -22.04 -13.68
CA THR A 162 6.32 -22.30 -14.96
C THR A 162 5.25 -22.31 -16.07
N HIS B 12 -1.02 32.88 -12.02
CA HIS B 12 -0.04 33.44 -11.06
C HIS B 12 -0.56 33.20 -9.63
N THR B 13 -1.01 34.28 -8.98
CA THR B 13 -1.58 34.22 -7.65
C THR B 13 -2.96 33.55 -7.67
N THR B 14 -3.67 33.59 -8.81
CA THR B 14 -5.03 33.10 -8.88
C THR B 14 -5.06 31.56 -8.81
N SER B 15 -4.22 30.88 -9.60
CA SER B 15 -4.14 29.42 -9.52
C SER B 15 -3.66 29.00 -8.12
N GLN B 16 -2.68 29.75 -7.58
CA GLN B 16 -2.08 29.41 -6.31
C GLN B 16 -3.09 29.58 -5.19
N LYS B 17 -3.82 30.71 -5.20
CA LYS B 17 -4.76 31.03 -4.13
C LYS B 17 -5.97 30.10 -4.18
N ASN B 18 -6.38 29.67 -5.38
CA ASN B 18 -7.48 28.73 -5.52
C ASN B 18 -7.08 27.37 -4.95
N PHE B 19 -5.82 26.98 -5.18
CA PHE B 19 -5.30 25.74 -4.63
C PHE B 19 -5.31 25.79 -3.10
N TYR B 20 -4.83 26.87 -2.51
CA TYR B 20 -4.85 27.04 -1.06
C TYR B 20 -6.28 26.97 -0.51
N ASP B 21 -7.24 27.62 -1.19
CA ASP B 21 -8.62 27.61 -0.76
C ASP B 21 -9.20 26.19 -0.90
N ASN B 22 -8.91 25.53 -2.02
CA ASN B 22 -9.47 24.21 -2.28
C ASN B 22 -8.84 23.12 -1.41
N LEU B 23 -7.57 23.27 -1.07
CA LEU B 23 -6.93 22.29 -0.21
C LEU B 23 -7.46 22.43 1.21
N THR B 24 -7.60 23.69 1.66
CA THR B 24 -8.14 23.95 2.98
C THR B 24 -9.54 23.35 3.10
N SER B 25 -10.40 23.68 2.14
CA SER B 25 -11.77 23.22 2.17
C SER B 25 -11.84 21.70 2.21
N THR B 26 -11.04 21.05 1.37
CA THR B 26 -11.00 19.59 1.30
C THR B 26 -10.55 18.98 2.64
N LEU B 27 -9.48 19.53 3.21
CA LEU B 27 -8.97 18.99 4.46
C LEU B 27 -9.97 19.20 5.59
N LEU B 28 -10.65 20.36 5.60
CA LEU B 28 -11.66 20.65 6.61
C LEU B 28 -12.83 19.68 6.50
N ARG B 29 -13.19 19.30 5.27
CA ARG B 29 -14.31 18.40 5.02
C ARG B 29 -13.97 16.98 5.51
N LEU B 30 -12.81 16.45 5.12
CA LEU B 30 -12.38 15.12 5.50
C LEU B 30 -12.22 15.05 7.02
N SER B 31 -11.80 16.16 7.62
CA SER B 31 -11.65 16.24 9.06
C SER B 31 -12.99 16.06 9.77
N THR B 32 -13.98 16.89 9.44
CA THR B 32 -15.26 16.87 10.14
C THR B 32 -15.94 15.53 9.93
N ASP B 33 -15.71 14.87 8.77
CA ASP B 33 -16.33 13.58 8.51
C ASP B 33 -15.43 12.42 8.93
N LYS B 34 -14.27 12.71 9.50
CA LYS B 34 -13.33 11.69 10.00
C LYS B 34 -13.01 10.67 8.91
N ILE B 35 -12.70 11.16 7.72
CA ILE B 35 -12.29 10.31 6.62
C ILE B 35 -10.78 10.39 6.49
N GLY B 36 -10.12 9.23 6.62
CA GLY B 36 -8.67 9.14 6.54
C GLY B 36 -8.17 9.49 5.14
N ALA B 37 -7.07 10.23 5.07
CA ALA B 37 -6.61 10.74 3.79
C ALA B 37 -5.15 11.14 3.88
N ILE B 38 -4.42 10.89 2.79
CA ILE B 38 -3.08 11.41 2.61
C ILE B 38 -3.03 12.14 1.27
N ILE B 39 -2.52 13.37 1.29
CA ILE B 39 -2.36 14.17 0.08
C ILE B 39 -0.92 14.67 0.06
N ALA B 40 -0.13 14.14 -0.87
CA ALA B 40 1.28 14.50 -0.98
C ALA B 40 1.44 15.52 -2.10
N ILE B 41 2.24 16.56 -1.82
CA ILE B 41 2.48 17.64 -2.75
C ILE B 41 3.94 17.58 -3.17
N GLU B 42 4.16 17.34 -4.47
CA GLU B 42 5.49 17.28 -5.02
C GLU B 42 6.11 18.68 -4.99
N ASN B 43 7.41 18.75 -4.66
CA ASN B 43 8.17 19.98 -4.78
C ASN B 43 9.26 19.75 -5.81
N GLN B 44 10.53 19.74 -5.39
CA GLN B 44 11.63 19.63 -6.34
C GLN B 44 11.95 18.17 -6.60
N ASP B 45 11.74 17.29 -5.62
CA ASP B 45 12.06 15.88 -5.75
C ASP B 45 10.89 15.19 -6.45
N SER B 46 11.19 14.44 -7.51
CA SER B 46 10.18 13.78 -8.32
C SER B 46 9.60 12.58 -7.57
N LEU B 47 8.26 12.47 -7.57
CA LEU B 47 7.55 11.37 -6.95
C LEU B 47 7.05 10.41 -8.02
N GLU B 48 7.66 10.47 -9.22
CA GLU B 48 7.24 9.69 -10.38
C GLU B 48 7.16 8.21 -10.04
N SER B 49 8.15 7.68 -9.33
CA SER B 49 8.12 6.30 -8.88
C SER B 49 6.80 5.97 -8.15
N TYR B 50 6.35 6.87 -7.27
CA TYR B 50 5.17 6.61 -6.45
C TYR B 50 3.88 6.78 -7.26
N VAL B 51 3.94 7.60 -8.32
CA VAL B 51 2.80 7.77 -9.21
C VAL B 51 2.54 6.46 -9.95
N ASN B 52 3.64 5.83 -10.35
CA ASN B 52 3.60 4.58 -11.09
C ASN B 52 3.18 3.40 -10.22
N ILE B 53 3.12 3.61 -8.90
CA ILE B 53 2.68 2.59 -7.94
C ILE B 53 1.16 2.66 -7.77
N GLY B 54 0.60 3.87 -7.94
CA GLY B 54 -0.83 4.06 -7.83
C GLY B 54 -1.48 4.13 -9.20
N TYR B 55 -2.66 4.76 -9.25
CA TYR B 55 -3.42 4.85 -10.48
C TYR B 55 -3.33 6.28 -11.00
N ARG B 56 -2.79 6.41 -12.22
CA ARG B 56 -2.62 7.69 -12.86
C ARG B 56 -3.97 8.30 -13.17
N VAL B 57 -4.25 9.42 -12.52
CA VAL B 57 -5.40 10.23 -12.85
C VAL B 57 -4.91 11.67 -12.86
N THR B 58 -5.12 12.37 -13.99
CA THR B 58 -4.72 13.76 -14.11
C THR B 58 -5.96 14.67 -14.10
N SER B 59 -5.92 15.70 -13.26
CA SER B 59 -7.00 16.67 -13.15
C SER B 59 -6.58 17.85 -12.29
N ASP B 60 -7.34 18.93 -12.38
CA ASP B 60 -7.20 20.04 -11.46
C ASP B 60 -7.56 19.56 -10.06
N PHE B 61 -6.91 20.13 -9.05
CA PHE B 61 -7.25 19.81 -7.67
C PHE B 61 -8.62 20.40 -7.37
N SER B 62 -9.67 19.59 -7.50
CA SER B 62 -11.03 20.06 -7.27
C SER B 62 -11.62 19.31 -6.08
N PRO B 63 -12.23 20.03 -5.11
CA PRO B 63 -12.92 19.40 -4.00
C PRO B 63 -13.96 18.39 -4.47
N GLU B 64 -14.59 18.68 -5.61
CA GLU B 64 -15.62 17.83 -6.20
C GLU B 64 -15.03 16.46 -6.55
N LEU B 65 -13.86 16.44 -7.17
CA LEU B 65 -13.24 15.17 -7.53
C LEU B 65 -12.77 14.46 -6.26
N LEU B 66 -12.15 15.18 -5.33
CA LEU B 66 -11.65 14.54 -4.11
C LEU B 66 -12.79 14.02 -3.24
N VAL B 67 -13.97 14.64 -3.29
CA VAL B 67 -15.14 14.07 -2.65
C VAL B 67 -15.53 12.77 -3.34
N THR B 68 -15.61 12.78 -4.68
CA THR B 68 -15.99 11.57 -5.40
C THR B 68 -15.12 10.39 -4.95
N ILE B 69 -13.81 10.60 -4.89
CA ILE B 69 -12.85 9.58 -4.51
C ILE B 69 -13.08 9.12 -3.07
N PHE B 70 -13.03 10.05 -2.12
CA PHE B 70 -12.84 9.70 -0.72
C PHE B 70 -14.14 9.30 -0.02
N TYR B 71 -15.30 9.74 -0.55
CA TYR B 71 -16.58 9.44 0.05
C TYR B 71 -17.19 8.16 -0.52
N ASN B 72 -16.32 7.20 -0.87
CA ASN B 72 -16.74 5.89 -1.30
C ASN B 72 -15.76 4.88 -0.68
N LYS B 73 -16.15 4.34 0.48
CA LYS B 73 -15.29 3.48 1.27
C LYS B 73 -15.08 2.12 0.59
N GLN B 74 -15.93 1.80 -0.40
CA GLN B 74 -15.81 0.53 -1.12
C GLN B 74 -14.66 0.64 -2.14
N SER B 75 -14.49 1.84 -2.72
CA SER B 75 -13.57 2.08 -3.82
C SER B 75 -12.12 2.02 -3.32
N PRO B 76 -11.18 1.41 -4.09
CA PRO B 76 -9.76 1.41 -3.73
C PRO B 76 -9.06 2.76 -3.92
N LEU B 77 -9.74 3.70 -4.62
CA LEU B 77 -9.22 5.04 -4.83
C LEU B 77 -9.19 5.81 -3.51
N HIS B 78 -10.10 5.48 -2.59
CA HIS B 78 -10.16 6.11 -1.28
C HIS B 78 -8.96 5.67 -0.42
N ASP B 79 -8.28 4.60 -0.83
CA ASP B 79 -7.13 4.07 -0.12
C ASP B 79 -5.86 4.68 -0.71
N GLY B 80 -4.78 4.69 0.08
CA GLY B 80 -3.47 5.19 -0.33
C GLY B 80 -3.41 6.71 -0.34
N ALA B 81 -2.45 7.28 -1.07
CA ALA B 81 -2.22 8.72 -1.10
C ALA B 81 -2.52 9.33 -2.48
N VAL B 82 -3.07 10.55 -2.44
CA VAL B 82 -3.17 11.41 -3.62
C VAL B 82 -1.87 12.18 -3.75
N ILE B 83 -1.31 12.19 -4.97
CA ILE B 83 -0.12 12.97 -5.27
C ILE B 83 -0.48 14.18 -6.14
N VAL B 84 0.01 15.37 -5.77
CA VAL B 84 -0.31 16.62 -6.44
C VAL B 84 1.00 17.22 -6.97
N ARG B 85 1.01 17.53 -8.28
CA ARG B 85 2.12 18.16 -8.96
C ARG B 85 1.59 19.38 -9.71
N ASP B 86 2.16 20.56 -9.41
CA ASP B 86 1.81 21.81 -10.06
C ASP B 86 0.31 22.09 -9.92
N TYR B 87 -0.20 21.90 -8.70
CA TYR B 87 -1.60 22.12 -8.37
C TYR B 87 -2.53 21.14 -9.09
N GLN B 88 -1.99 20.08 -9.70
CA GLN B 88 -2.83 19.07 -10.32
C GLN B 88 -2.61 17.72 -9.65
N ILE B 89 -3.73 17.01 -9.43
CA ILE B 89 -3.73 15.59 -9.11
C ILE B 89 -3.09 14.83 -10.27
N VAL B 90 -2.12 13.96 -9.94
CA VAL B 90 -1.47 13.11 -10.93
C VAL B 90 -1.63 11.62 -10.61
N SER B 91 -2.04 11.27 -9.38
CA SER B 91 -2.30 9.88 -9.06
C SER B 91 -3.11 9.78 -7.78
N VAL B 92 -3.74 8.62 -7.60
CA VAL B 92 -4.40 8.23 -6.37
C VAL B 92 -3.94 6.82 -6.03
N SER B 93 -4.17 6.39 -4.78
CA SER B 93 -3.82 5.05 -4.31
C SER B 93 -2.33 4.78 -4.37
N SER B 94 -1.50 5.79 -4.09
CA SER B 94 -0.06 5.61 -4.10
C SER B 94 0.41 5.30 -2.69
N TYR B 95 1.34 4.34 -2.57
CA TYR B 95 1.86 3.94 -1.27
C TYR B 95 3.26 4.52 -1.09
N PHE B 96 3.62 4.83 0.16
CA PHE B 96 4.93 5.37 0.49
C PHE B 96 5.63 4.43 1.46
N PRO B 97 6.97 4.49 1.55
CA PRO B 97 7.72 3.74 2.57
C PRO B 97 7.43 4.19 4.00
N MET B 98 7.46 3.23 4.94
CA MET B 98 7.17 3.52 6.34
C MET B 98 8.35 4.28 6.92
N THR B 99 8.06 5.13 7.92
CA THR B 99 9.09 5.86 8.63
C THR B 99 9.98 4.88 9.40
N ARG B 100 11.25 5.25 9.54
CA ARG B 100 12.20 4.51 10.36
C ARG B 100 12.24 5.11 11.76
N GLN B 101 11.65 6.28 11.97
CA GLN B 101 11.75 6.96 13.27
C GLN B 101 10.87 6.27 14.29
N LEU B 102 11.23 6.46 15.56
CA LEU B 102 10.36 6.08 16.65
C LEU B 102 9.42 7.26 16.90
N ILE B 103 8.12 6.99 16.73
CA ILE B 103 7.10 8.02 16.73
C ILE B 103 6.03 7.64 17.73
N ASP B 104 5.36 8.65 18.26
CA ASP B 104 4.26 8.45 19.20
C ASP B 104 3.30 7.38 18.67
N VAL B 105 2.73 6.59 19.60
CA VAL B 105 1.83 5.49 19.27
C VAL B 105 0.52 6.03 18.68
N SER B 106 0.15 7.27 19.03
CA SER B 106 -1.10 7.87 18.59
C SER B 106 -1.15 8.00 17.06
N TYR B 107 0.03 8.01 16.41
CA TYR B 107 0.14 8.18 14.98
C TYR B 107 0.00 6.84 14.26
N GLY B 108 -0.91 6.80 13.28
CA GLY B 108 -1.28 5.57 12.59
C GLY B 108 -0.46 5.33 11.33
N SER B 109 -0.89 4.34 10.55
CA SER B 109 -0.21 3.87 9.35
C SER B 109 0.02 5.02 8.36
N ARG B 110 -1.04 5.81 8.13
CA ARG B 110 -0.98 6.88 7.16
C ARG B 110 0.09 7.89 7.56
N HIS B 111 0.15 8.18 8.88
CA HIS B 111 1.09 9.15 9.41
C HIS B 111 2.52 8.69 9.16
N ARG B 112 2.75 7.39 9.33
CA ARG B 112 4.07 6.80 9.20
C ARG B 112 4.51 6.73 7.74
N SER B 113 3.56 6.47 6.83
CA SER B 113 3.89 6.49 5.40
C SER B 113 4.25 7.92 4.99
N ALA B 114 3.51 8.90 5.51
CA ALA B 114 3.73 10.29 5.16
C ALA B 114 5.13 10.71 5.61
N LEU B 115 5.47 10.43 6.88
CA LEU B 115 6.80 10.71 7.41
C LEU B 115 7.88 9.99 6.62
N GLY B 116 7.67 8.69 6.39
CA GLY B 116 8.58 7.92 5.56
C GLY B 116 8.91 8.60 4.22
N LEU B 117 7.89 9.11 3.53
CA LEU B 117 8.16 9.79 2.27
C LEU B 117 9.05 11.00 2.48
N THR B 118 8.75 11.81 3.51
CA THR B 118 9.38 13.11 3.64
C THR B 118 10.81 12.99 4.16
N GLU B 119 11.14 11.82 4.73
CA GLU B 119 12.49 11.54 5.20
C GLU B 119 13.42 11.32 4.03
N LYS B 120 12.85 11.02 2.86
CA LYS B 120 13.64 10.66 1.69
C LYS B 120 13.69 11.80 0.68
N CYS B 121 12.70 12.72 0.73
CA CYS B 121 12.63 13.80 -0.26
C CYS B 121 11.86 15.00 0.30
N ASP B 122 11.70 16.04 -0.54
CA ASP B 122 11.23 17.34 -0.08
C ASP B 122 9.72 17.50 -0.23
N ALA B 123 8.97 16.38 -0.33
CA ALA B 123 7.52 16.46 -0.46
C ALA B 123 6.91 16.98 0.83
N ILE B 124 5.78 17.71 0.70
CA ILE B 124 4.97 18.12 1.83
C ILE B 124 3.70 17.26 1.83
N VAL B 125 3.43 16.56 2.93
CA VAL B 125 2.34 15.60 2.94
C VAL B 125 1.38 16.00 4.06
N PHE B 126 0.09 16.13 3.71
CA PHE B 126 -0.98 16.36 4.67
C PHE B 126 -1.73 15.05 4.96
N ILE B 127 -2.13 14.88 6.23
CA ILE B 127 -2.79 13.66 6.68
C ILE B 127 -4.02 14.06 7.49
N VAL B 128 -5.14 13.37 7.22
CA VAL B 128 -6.31 13.42 8.06
C VAL B 128 -6.48 12.07 8.75
N SER B 129 -6.78 12.11 10.05
CA SER B 129 -6.93 10.92 10.88
C SER B 129 -8.38 10.46 10.87
N GLU B 130 -8.60 9.20 10.50
CA GLU B 130 -9.95 8.61 10.45
C GLU B 130 -10.53 8.45 11.85
N THR B 131 -9.67 8.36 12.87
CA THR B 131 -10.10 8.13 14.23
C THR B 131 -10.56 9.46 14.84
N THR B 132 -9.68 10.45 14.89
CA THR B 132 -9.96 11.73 15.55
C THR B 132 -10.47 12.80 14.58
N GLY B 133 -10.07 12.75 13.30
CA GLY B 133 -10.38 13.82 12.36
C GLY B 133 -9.28 14.89 12.30
N LYS B 134 -8.24 14.73 13.10
CA LYS B 134 -7.19 15.72 13.20
C LYS B 134 -6.37 15.75 11.92
N ILE B 135 -5.86 16.94 11.61
CA ILE B 135 -5.13 17.19 10.39
C ILE B 135 -3.66 17.43 10.77
N SER B 136 -2.76 16.71 10.08
CA SER B 136 -1.34 16.80 10.33
C SER B 136 -0.63 17.12 9.02
N VAL B 137 0.57 17.69 9.14
CA VAL B 137 1.48 17.87 8.01
C VAL B 137 2.84 17.28 8.37
N ALA B 138 3.44 16.58 7.39
CA ALA B 138 4.77 16.01 7.50
C ALA B 138 5.69 16.70 6.51
N VAL B 139 6.80 17.21 7.03
CA VAL B 139 7.78 17.96 6.28
C VAL B 139 9.14 17.57 6.85
N ARG B 140 10.00 16.96 6.02
CA ARG B 140 11.39 16.66 6.35
C ARG B 140 11.52 15.84 7.64
N GLY B 141 10.67 14.83 7.80
CA GLY B 141 10.79 13.90 8.92
C GLY B 141 10.22 14.46 10.22
N VAL B 142 9.51 15.59 10.14
CA VAL B 142 8.82 16.17 11.28
C VAL B 142 7.33 16.17 10.99
N ILE B 143 6.52 15.80 12.00
CA ILE B 143 5.09 15.83 11.84
C ILE B 143 4.51 16.82 12.84
N LYS B 144 3.57 17.67 12.40
CA LYS B 144 2.96 18.66 13.28
C LYS B 144 1.45 18.62 13.07
N THR B 145 0.71 18.82 14.16
CA THR B 145 -0.74 18.84 14.12
C THR B 145 -1.19 20.25 13.77
N LEU B 146 -2.17 20.38 12.87
CA LEU B 146 -2.72 21.67 12.48
C LEU B 146 -4.10 21.86 13.11
N SER B 147 -4.56 23.10 13.22
CA SER B 147 -5.83 23.37 13.86
C SER B 147 -7.00 23.00 12.93
N SER B 148 -8.15 22.68 13.52
CA SER B 148 -9.36 22.44 12.75
C SER B 148 -10.17 23.71 12.59
N ASN B 149 -9.72 24.80 13.25
CA ASN B 149 -10.27 26.13 13.03
C ASN B 149 -9.96 26.54 11.58
N SER B 150 -11.01 26.96 10.84
CA SER B 150 -10.95 27.19 9.40
C SER B 150 -10.01 28.34 9.02
N ASP B 151 -9.99 29.40 9.84
CA ASP B 151 -9.23 30.61 9.56
C ASP B 151 -7.74 30.36 9.72
N ARG B 152 -7.39 29.71 10.84
CA ARG B 152 -6.00 29.48 11.20
C ARG B 152 -5.40 28.42 10.28
N LEU B 153 -6.23 27.43 9.88
CA LEU B 153 -5.76 26.29 9.10
C LEU B 153 -5.23 26.73 7.74
N GLN B 154 -5.92 27.68 7.11
CA GLN B 154 -5.55 28.12 5.79
C GLN B 154 -4.18 28.78 5.86
N ASP B 155 -3.95 29.57 6.93
CA ASP B 155 -2.69 30.28 7.12
C ASP B 155 -1.58 29.26 7.37
N GLN B 156 -1.91 28.20 8.09
CA GLN B 156 -0.95 27.15 8.41
C GLN B 156 -0.57 26.39 7.15
N ILE B 157 -1.58 26.05 6.35
CA ILE B 157 -1.34 25.38 5.08
C ILE B 157 -0.44 26.22 4.18
N ILE B 158 -0.74 27.52 4.08
CA ILE B 158 0.06 28.39 3.22
C ILE B 158 1.51 28.42 3.71
N HIS B 159 1.70 28.52 5.03
CA HIS B 159 3.04 28.57 5.59
C HIS B 159 3.85 27.36 5.16
N TYR B 160 3.28 26.15 5.27
CA TYR B 160 4.06 24.93 5.08
C TYR B 160 4.34 24.69 3.59
N LEU B 161 3.49 25.23 2.71
CA LEU B 161 3.72 25.12 1.27
C LEU B 161 4.61 26.23 0.75
N THR B 162 4.81 27.33 1.51
CA THR B 162 5.65 28.41 1.04
C THR B 162 7.02 28.43 1.73
N VAL B 163 7.32 27.45 2.59
CA VAL B 163 8.52 27.47 3.40
C VAL B 163 9.60 26.60 2.75
#